data_6ERY
#
_entry.id   6ERY
#
_cell.length_a   42.623
_cell.length_b   68.989
_cell.length_c   80.980
_cell.angle_alpha   90.000
_cell.angle_beta   95.140
_cell.angle_gamma   90.000
#
_symmetry.space_group_name_H-M   'P 1 21 1'
#
loop_
_entity.id
_entity.type
_entity.pdbx_description
1 polymer 'Chloride intracellular channel protein 6'
2 non-polymer 'SULFATE ION'
3 water water
#
_entity_poly.entity_id   1
_entity_poly.type   'polypeptide(L)'
_entity_poly.pdbx_seq_one_letter_code
;GAMGITLFVKAGYDGESIGNCPFSQRLFMILWLKGVIFNVTTVDLKRKPADLQNLAPGTNPPFMTFDGEVKTDVNKIEEF
LEEKLVPPRYPKLGTQHPESNSAGNDVFAKFSAFIKNTKKDANEIYEKNLLRALKKLDSYLNSPLPDEIDADSSEDVTVS
QRKFLDGDELTLADCNLLPKLHIIKIVAKKYRDFEFPSEMTGIWRYLNNAYARDEFTNTCPADREIEHAYSDAAKRMK
;
_entity_poly.pdbx_strand_id   B,A
#
loop_
_chem_comp.id
_chem_comp.type
_chem_comp.name
_chem_comp.formula
SO4 non-polymer 'SULFATE ION' 'O4 S -2'
#
# COMPACT_ATOMS: atom_id res chain seq x y z
N GLY A 1 -34.59 30.82 25.17
CA GLY A 1 -34.04 30.70 23.83
C GLY A 1 -33.71 29.25 23.47
N ALA A 2 -33.41 29.01 22.19
CA ALA A 2 -32.90 27.70 21.82
C ALA A 2 -31.56 27.48 22.52
N MET A 3 -31.42 26.33 23.15
CA MET A 3 -30.21 26.04 23.91
C MET A 3 -29.70 24.67 23.50
N GLY A 4 -28.40 24.53 23.46
CA GLY A 4 -27.81 23.24 23.15
C GLY A 4 -27.46 23.12 21.70
N ILE A 5 -27.15 21.88 21.32
CA ILE A 5 -26.60 21.55 20.02
C ILE A 5 -27.55 20.62 19.29
N THR A 6 -27.88 20.97 18.05
CA THR A 6 -28.52 20.04 17.13
C THR A 6 -27.67 19.91 15.88
N LEU A 7 -27.31 18.67 15.55
CA LEU A 7 -26.60 18.35 14.33
C LEU A 7 -27.60 17.91 13.27
N PHE A 8 -27.62 18.62 12.13
CA PHE A 8 -28.47 18.30 11.00
C PHE A 8 -27.64 17.53 9.98
N VAL A 9 -28.09 16.33 9.60
CA VAL A 9 -27.33 15.43 8.75
C VAL A 9 -28.18 15.04 7.55
N LYS A 10 -27.52 14.44 6.56
CA LYS A 10 -28.25 13.91 5.39
C LYS A 10 -29.10 12.70 5.80
N ALA A 11 -30.35 12.69 5.36
CA ALA A 11 -31.19 11.51 5.54
C ALA A 11 -30.82 10.42 4.55
N GLY A 12 -31.06 9.17 4.93
CA GLY A 12 -30.93 8.05 4.02
C GLY A 12 -32.07 8.01 3.04
N TYR A 13 -32.16 6.91 2.31
CA TYR A 13 -33.22 6.78 1.32
C TYR A 13 -34.59 6.54 1.94
N ASP A 14 -34.67 6.03 3.16
CA ASP A 14 -35.98 5.89 3.79
C ASP A 14 -36.56 7.22 4.25
N GLY A 15 -35.82 8.32 4.09
CA GLY A 15 -36.28 9.64 4.48
C GLY A 15 -36.15 9.95 5.96
N GLU A 16 -35.63 9.02 6.77
CA GLU A 16 -35.58 9.24 8.21
C GLU A 16 -34.27 8.83 8.86
N SER A 17 -33.58 7.81 8.37
CA SER A 17 -32.37 7.30 9.01
C SER A 17 -31.13 7.99 8.46
N ILE A 18 -29.98 7.68 9.06
CA ILE A 18 -28.72 8.30 8.66
C ILE A 18 -28.35 7.90 7.24
N GLY A 19 -28.06 8.89 6.40
CA GLY A 19 -27.62 8.62 5.04
C GLY A 19 -26.09 8.66 4.94
N ASN A 20 -25.62 8.26 3.77
CA ASN A 20 -24.18 8.36 3.47
C ASN A 20 -23.71 9.81 3.49
N CYS A 21 -22.68 10.08 4.27
CA CYS A 21 -22.01 11.38 4.32
C CYS A 21 -20.83 11.31 5.28
N PRO A 22 -19.58 11.40 4.79
CA PRO A 22 -18.43 11.38 5.70
C PRO A 22 -18.35 12.61 6.54
N PHE A 23 -18.97 13.71 6.10
CA PHE A 23 -18.85 14.95 6.88
C PHE A 23 -19.78 14.92 8.07
N SER A 24 -21.01 14.42 7.87
CA SER A 24 -21.95 14.24 8.98
C SER A 24 -21.41 13.24 10.00
N GLN A 25 -20.87 12.11 9.53
CA GLN A 25 -20.34 11.12 10.46
C GLN A 25 -19.21 11.71 11.29
N ARG A 26 -18.35 12.51 10.66
CA ARG A 26 -17.25 13.17 11.34
C ARG A 26 -17.74 14.00 12.52
N LEU A 27 -18.76 14.83 12.28
CA LEU A 27 -19.28 15.68 13.36
C LEU A 27 -20.02 14.86 14.41
N PHE A 28 -20.78 13.85 13.98
CA PHE A 28 -21.42 12.91 14.91
C PHE A 28 -20.38 12.30 15.86
N MET A 29 -19.23 11.86 15.32
CA MET A 29 -18.19 11.28 16.16
C MET A 29 -17.61 12.30 17.14
N ILE A 30 -17.35 13.52 16.65
CA ILE A 30 -16.80 14.56 17.52
C ILE A 30 -17.74 14.80 18.70
N LEU A 31 -19.03 14.97 18.40
CA LEU A 31 -20.00 15.30 19.44
C LEU A 31 -20.12 14.14 20.43
N TRP A 32 -20.11 12.90 19.92
CA TRP A 32 -20.10 11.74 20.79
C TRP A 32 -18.87 11.74 21.69
N LEU A 33 -17.69 11.89 21.09
CA LEU A 33 -16.45 11.83 21.86
C LEU A 33 -16.35 12.98 22.86
N LYS A 34 -17.00 14.11 22.55
CA LYS A 34 -17.00 15.23 23.49
C LYS A 34 -17.78 14.92 24.75
N GLY A 35 -18.72 13.98 24.68
CA GLY A 35 -19.55 13.75 25.83
C GLY A 35 -20.61 14.80 26.04
N VAL A 36 -20.88 15.64 25.04
CA VAL A 36 -21.90 16.69 25.14
C VAL A 36 -23.28 16.11 24.86
N ILE A 37 -24.31 16.72 25.44
CA ILE A 37 -25.68 16.37 25.12
C ILE A 37 -26.01 16.99 23.77
N PHE A 38 -26.55 16.20 22.85
CA PHE A 38 -26.92 16.74 21.54
C PHE A 38 -27.98 15.84 20.93
N ASN A 39 -28.71 16.39 19.97
CA ASN A 39 -29.58 15.56 19.16
C ASN A 39 -29.15 15.62 17.70
N VAL A 40 -29.59 14.62 16.94
CA VAL A 40 -29.27 14.48 15.54
C VAL A 40 -30.59 14.50 14.78
N THR A 41 -30.71 15.42 13.84
CA THR A 41 -31.91 15.55 13.03
C THR A 41 -31.54 15.24 11.60
N THR A 42 -32.27 14.33 10.99
CA THR A 42 -32.02 14.00 9.61
C THR A 42 -32.82 14.97 8.75
N VAL A 43 -32.26 15.33 7.59
CA VAL A 43 -32.85 16.32 6.69
C VAL A 43 -33.31 15.56 5.46
N ASP A 44 -34.61 15.66 5.15
CA ASP A 44 -35.21 14.79 4.13
C ASP A 44 -35.79 15.52 2.92
N LEU A 45 -35.70 16.85 2.85
CA LEU A 45 -36.17 17.62 1.70
C LEU A 45 -37.61 17.29 1.29
N ASN A 54 -32.13 31.59 10.18
CA ASN A 54 -31.47 32.21 9.04
C ASN A 54 -30.40 31.29 8.46
N LEU A 55 -30.80 30.42 7.53
CA LEU A 55 -29.91 29.56 6.76
C LEU A 55 -30.16 29.77 5.28
N ALA A 56 -29.05 29.86 4.52
CA ALA A 56 -29.11 30.12 3.09
C ALA A 56 -29.90 29.03 2.37
N PRO A 57 -30.46 29.35 1.20
CA PRO A 57 -31.26 28.35 0.47
C PRO A 57 -30.41 27.17 0.02
N GLY A 58 -30.92 25.97 0.28
CA GLY A 58 -30.27 24.77 -0.24
C GLY A 58 -28.87 24.53 0.28
N THR A 59 -28.53 25.06 1.45
CA THR A 59 -27.24 24.80 2.06
C THR A 59 -27.06 23.29 2.24
N ASN A 60 -25.83 22.81 2.05
CA ASN A 60 -25.65 21.36 2.06
C ASN A 60 -25.77 20.82 3.49
N PRO A 61 -26.47 19.70 3.66
CA PRO A 61 -27.21 19.44 4.89
C PRO A 61 -26.36 19.10 6.11
N PRO A 62 -25.03 18.91 6.04
CA PRO A 62 -24.32 18.84 7.33
C PRO A 62 -24.12 20.22 7.94
N PHE A 63 -25.01 20.63 8.86
CA PHE A 63 -24.82 21.87 9.60
C PHE A 63 -25.35 21.70 11.02
N MET A 64 -25.21 22.76 11.84
CA MET A 64 -25.38 22.64 13.27
C MET A 64 -25.97 23.91 13.85
N THR A 65 -26.89 23.78 14.82
CA THR A 65 -27.26 24.93 15.63
C THR A 65 -26.63 24.80 17.01
N PHE A 66 -26.10 25.92 17.50
CA PHE A 66 -25.48 26.00 18.82
C PHE A 66 -26.16 27.15 19.52
N ASP A 67 -26.99 26.83 20.52
CA ASP A 67 -27.83 27.83 21.17
C ASP A 67 -28.61 28.63 20.14
N GLY A 68 -29.13 27.93 19.12
CA GLY A 68 -29.96 28.56 18.11
C GLY A 68 -29.21 29.15 16.94
N GLU A 69 -27.91 29.42 17.09
CA GLU A 69 -27.13 30.02 16.01
C GLU A 69 -26.69 28.94 15.03
N VAL A 70 -26.89 29.21 13.73
CA VAL A 70 -26.56 28.24 12.68
C VAL A 70 -25.07 28.32 12.37
N LYS A 71 -24.44 27.15 12.23
CA LYS A 71 -23.03 27.04 11.87
C LYS A 71 -22.90 26.12 10.68
N THR A 72 -22.16 26.56 9.67
CA THR A 72 -21.98 25.83 8.42
C THR A 72 -20.50 25.50 8.21
N ASP A 73 -20.26 24.62 7.24
CA ASP A 73 -18.92 24.21 6.82
C ASP A 73 -18.35 23.26 7.85
N VAL A 74 -18.12 22.01 7.42
CA VAL A 74 -17.75 20.97 8.38
C VAL A 74 -16.44 21.33 9.09
N ASN A 75 -15.49 21.95 8.38
CA ASN A 75 -14.23 22.29 9.01
C ASN A 75 -14.43 23.38 10.05
N LYS A 76 -15.29 24.36 9.76
CA LYS A 76 -15.52 25.43 10.72
C LYS A 76 -16.33 24.93 11.92
N ILE A 77 -17.24 23.98 11.71
CA ILE A 77 -17.97 23.42 12.83
C ILE A 77 -17.01 22.66 13.74
N GLU A 78 -16.08 21.89 13.17
CA GLU A 78 -15.10 21.19 14.00
C GLU A 78 -14.31 22.17 14.86
N GLU A 79 -13.77 23.22 14.24
CA GLU A 79 -12.99 24.19 15.00
C GLU A 79 -13.84 24.83 16.09
N PHE A 80 -15.10 25.13 15.79
CA PHE A 80 -15.97 25.75 16.78
C PHE A 80 -16.21 24.80 17.97
N LEU A 81 -16.49 23.53 17.69
CA LEU A 81 -16.75 22.58 18.77
C LEU A 81 -15.51 22.38 19.64
N GLU A 82 -14.34 22.25 19.01
CA GLU A 82 -13.10 22.07 19.78
C GLU A 82 -12.82 23.29 20.64
N GLU A 83 -13.27 24.47 20.20
CA GLU A 83 -13.01 25.69 20.94
C GLU A 83 -14.07 25.97 22.00
N LYS A 84 -15.32 25.54 21.79
CA LYS A 84 -16.39 25.86 22.74
C LYS A 84 -16.62 24.78 23.78
N LEU A 85 -16.26 23.53 23.50
CA LEU A 85 -16.45 22.42 24.44
C LEU A 85 -15.08 22.06 25.00
N VAL A 86 -14.80 22.52 26.22
CA VAL A 86 -13.44 22.40 26.75
C VAL A 86 -13.43 21.81 28.14
N PRO A 87 -12.28 21.40 28.66
CA PRO A 87 -12.21 20.90 30.03
C PRO A 87 -12.68 21.96 31.00
N PRO A 88 -13.20 21.57 32.16
CA PRO A 88 -13.28 20.19 32.67
C PRO A 88 -14.52 19.38 32.24
N ARG A 89 -15.54 20.02 31.64
CA ARG A 89 -16.75 19.27 31.29
C ARG A 89 -16.57 18.43 30.03
N TYR A 90 -15.69 18.84 29.10
CA TYR A 90 -15.50 18.14 27.83
C TYR A 90 -14.01 17.99 27.54
N PRO A 91 -13.61 16.88 26.96
CA PRO A 91 -12.19 16.71 26.65
C PRO A 91 -11.77 17.48 25.41
N LYS A 92 -10.50 17.87 25.39
CA LYS A 92 -9.88 18.34 24.15
C LYS A 92 -9.67 17.15 23.21
N LEU A 93 -10.06 17.30 21.95
CA LEU A 93 -9.85 16.21 20.99
C LEU A 93 -8.76 16.52 19.96
N GLY A 94 -8.14 17.69 20.04
CA GLY A 94 -7.10 18.04 19.08
C GLY A 94 -5.90 17.11 19.15
N THR A 95 -5.19 17.03 18.02
CA THR A 95 -4.02 16.17 17.91
C THR A 95 -2.82 16.80 18.59
N GLN A 96 -1.89 15.96 19.03
CA GLN A 96 -0.63 16.41 19.59
C GLN A 96 0.48 16.46 18.55
N HIS A 97 0.39 15.63 17.52
CA HIS A 97 1.42 15.56 16.49
C HIS A 97 0.87 16.12 15.20
N PRO A 98 1.44 17.20 14.68
CA PRO A 98 0.89 17.83 13.46
C PRO A 98 0.82 16.91 12.26
N GLU A 99 1.75 15.95 12.12
CA GLU A 99 1.67 15.00 11.02
C GLU A 99 0.39 14.18 11.07
N SER A 100 -0.21 14.02 12.26
CA SER A 100 -1.47 13.29 12.34
C SER A 100 -2.56 13.97 11.55
N ASN A 101 -2.49 15.30 11.40
CA ASN A 101 -3.54 16.03 10.72
C ASN A 101 -3.43 15.95 9.21
N SER A 102 -2.27 15.57 8.68
CA SER A 102 -2.10 15.48 7.24
C SER A 102 -1.97 14.06 6.73
N ALA A 103 -1.79 13.09 7.63
CA ALA A 103 -1.61 11.71 7.18
C ALA A 103 -2.86 11.24 6.44
N GLY A 104 -2.67 10.70 5.25
CA GLY A 104 -3.79 10.24 4.46
C GLY A 104 -4.76 11.30 4.01
N ASN A 105 -4.36 12.58 3.98
CA ASN A 105 -5.33 13.62 3.62
C ASN A 105 -5.65 13.64 2.13
N ASP A 106 -4.94 12.87 1.31
CA ASP A 106 -5.23 12.75 -0.10
C ASP A 106 -5.97 11.45 -0.45
N VAL A 107 -6.18 10.57 0.53
CA VAL A 107 -6.71 9.23 0.23
C VAL A 107 -8.14 9.33 -0.33
N PHE A 108 -9.00 10.12 0.30
CA PHE A 108 -10.39 10.19 -0.17
C PHE A 108 -10.47 10.83 -1.54
N ALA A 109 -9.66 11.87 -1.80
CA ALA A 109 -9.64 12.48 -3.13
C ALA A 109 -9.19 11.49 -4.19
N LYS A 110 -8.15 10.70 -3.90
CA LYS A 110 -7.68 9.73 -4.88
C LYS A 110 -8.70 8.62 -5.09
N PHE A 111 -9.34 8.15 -4.01
CA PHE A 111 -10.39 7.16 -4.17
C PHE A 111 -11.54 7.70 -5.03
N SER A 112 -11.93 8.95 -4.77
CA SER A 112 -13.00 9.54 -5.55
C SER A 112 -12.68 9.55 -7.04
N ALA A 113 -11.46 9.93 -7.41
CA ALA A 113 -11.09 9.97 -8.83
C ALA A 113 -11.08 8.55 -9.42
N PHE A 114 -10.62 7.58 -8.64
CA PHE A 114 -10.57 6.18 -9.05
C PHE A 114 -11.98 5.64 -9.29
N ILE A 115 -12.90 5.91 -8.35
CA ILE A 115 -14.23 5.31 -8.44
C ILE A 115 -15.12 6.05 -9.44
N LYS A 116 -14.85 7.34 -9.70
CA LYS A 116 -15.63 8.10 -10.67
C LYS A 116 -15.09 8.02 -12.09
N ASN A 117 -13.90 7.46 -12.29
CA ASN A 117 -13.34 7.37 -13.65
C ASN A 117 -14.11 6.33 -14.46
N THR A 118 -14.42 6.69 -15.71
CA THR A 118 -15.15 5.83 -16.65
C THR A 118 -14.23 5.08 -17.61
N LYS A 119 -13.07 5.65 -17.96
CA LYS A 119 -12.20 5.10 -19.00
C LYS A 119 -11.34 3.97 -18.45
N LYS A 120 -11.40 2.80 -19.09
CA LYS A 120 -10.58 1.66 -18.66
C LYS A 120 -9.09 1.96 -18.81
N ASP A 121 -8.69 2.68 -19.85
CA ASP A 121 -7.28 2.94 -20.08
C ASP A 121 -6.65 3.84 -19.01
N ALA A 122 -7.47 4.58 -18.26
CA ALA A 122 -6.96 5.42 -17.17
C ALA A 122 -7.02 4.74 -15.81
N ASN A 123 -7.60 3.54 -15.69
CA ASN A 123 -7.76 2.94 -14.36
C ASN A 123 -6.43 2.65 -13.70
N GLU A 124 -5.43 2.18 -14.46
CA GLU A 124 -4.13 1.89 -13.84
C GLU A 124 -3.55 3.13 -13.16
N ILE A 125 -3.65 4.29 -13.81
CA ILE A 125 -3.09 5.50 -13.20
C ILE A 125 -3.87 5.87 -11.93
N TYR A 126 -5.20 5.90 -12.01
CA TYR A 126 -5.99 6.27 -10.82
C TYR A 126 -5.81 5.27 -9.70
N GLU A 127 -5.76 3.97 -10.01
CA GLU A 127 -5.58 2.97 -8.97
C GLU A 127 -4.20 3.07 -8.33
N LYS A 128 -3.17 3.29 -9.16
CA LYS A 128 -1.83 3.46 -8.60
C LYS A 128 -1.73 4.72 -7.76
N ASN A 129 -2.42 5.78 -8.15
CA ASN A 129 -2.40 7.00 -7.33
C ASN A 129 -3.07 6.74 -5.99
N LEU A 130 -4.17 5.99 -6.00
CA LEU A 130 -4.81 5.59 -4.74
C LEU A 130 -3.87 4.75 -3.89
N LEU A 131 -3.22 3.75 -4.50
CA LEU A 131 -2.35 2.88 -3.72
C LEU A 131 -1.17 3.65 -3.13
N ARG A 132 -0.66 4.64 -3.86
CA ARG A 132 0.46 5.43 -3.37
C ARG A 132 0.05 6.24 -2.14
N ALA A 133 -1.15 6.83 -2.20
CA ALA A 133 -1.66 7.58 -1.07
C ALA A 133 -1.88 6.68 0.13
N LEU A 134 -2.41 5.48 -0.09
CA LEU A 134 -2.65 4.56 1.00
C LEU A 134 -1.34 4.11 1.61
N LYS A 135 -0.33 3.88 0.78
CA LYS A 135 0.98 3.48 1.29
C LYS A 135 1.54 4.51 2.25
N LYS A 136 1.42 5.79 1.89
CA LYS A 136 1.90 6.86 2.76
C LYS A 136 1.21 6.84 4.12
N LEU A 137 -0.12 6.66 4.11
CA LEU A 137 -0.88 6.56 5.35
C LEU A 137 -0.50 5.32 6.13
N ASP A 138 -0.37 4.18 5.45
CA ASP A 138 0.03 2.95 6.12
C ASP A 138 1.38 3.10 6.80
N SER A 139 2.32 3.77 6.11
CA SER A 139 3.63 4.03 6.69
C SER A 139 3.53 4.84 7.97
N TYR A 140 2.70 5.87 7.98
CA TYR A 140 2.53 6.68 9.19
C TYR A 140 1.94 5.85 10.32
N LEU A 141 0.97 5.01 9.99
CA LEU A 141 0.36 4.20 11.04
C LEU A 141 1.33 3.17 11.60
N ASN A 142 2.27 2.67 10.79
CA ASN A 142 3.17 1.63 11.26
C ASN A 142 4.48 2.16 11.84
N SER A 143 4.79 3.44 11.66
CA SER A 143 6.04 3.98 12.17
C SER A 143 5.80 4.55 13.55
N PRO A 144 6.53 4.11 14.58
CA PRO A 144 6.27 4.61 15.94
C PRO A 144 6.40 6.13 15.99
N LEU A 145 5.50 6.77 16.75
CA LEU A 145 5.63 8.20 16.91
C LEU A 145 6.84 8.47 17.79
N PRO A 146 7.40 9.69 17.73
CA PRO A 146 8.67 9.93 18.45
C PRO A 146 8.57 9.65 19.94
N ASP A 147 7.49 10.09 20.57
CA ASP A 147 7.28 9.91 21.99
C ASP A 147 6.80 8.52 22.33
N GLU A 148 6.53 7.68 21.34
CA GLU A 148 5.92 6.40 21.61
C GLU A 148 6.87 5.50 22.40
N ILE A 149 6.34 4.89 23.46
CA ILE A 149 7.04 3.91 24.26
C ILE A 149 6.11 2.72 24.44
N ASP A 150 6.67 1.52 24.33
CA ASP A 150 5.94 0.33 24.77
C ASP A 150 6.57 -0.07 26.09
N ALA A 151 6.05 0.51 27.18
CA ALA A 151 6.60 0.22 28.51
C ALA A 151 6.61 -1.27 28.84
N ASP A 152 5.69 -2.06 28.28
CA ASP A 152 5.57 -3.47 28.62
C ASP A 152 6.43 -4.40 27.77
N SER A 153 7.17 -3.89 26.79
CA SER A 153 7.90 -4.74 25.86
C SER A 153 9.38 -4.74 26.21
N SER A 154 9.93 -5.94 26.48
CA SER A 154 11.38 -6.02 26.65
C SER A 154 12.11 -5.84 25.33
N GLU A 155 11.49 -6.26 24.22
CA GLU A 155 12.10 -6.22 22.90
C GLU A 155 11.96 -4.82 22.32
N ASP A 156 12.75 -4.54 21.28
CA ASP A 156 12.63 -3.24 20.64
C ASP A 156 11.41 -3.22 19.75
N VAL A 157 10.74 -2.09 19.72
CA VAL A 157 9.44 -1.92 19.07
C VAL A 157 9.69 -1.21 17.73
N THR A 158 9.60 -1.96 16.64
CA THR A 158 9.82 -1.37 15.32
C THR A 158 8.53 -1.00 14.62
N VAL A 159 7.44 -1.72 14.85
CA VAL A 159 6.14 -1.41 14.26
C VAL A 159 5.25 -0.84 15.36
N SER A 160 4.72 0.35 15.13
CA SER A 160 3.98 1.05 16.17
C SER A 160 2.78 0.22 16.61
N GLN A 161 2.52 0.20 17.92
CA GLN A 161 1.39 -0.51 18.48
C GLN A 161 0.30 0.43 18.97
N ARG A 162 0.38 1.71 18.63
CA ARG A 162 -0.63 2.65 19.09
C ARG A 162 -1.96 2.36 18.40
N LYS A 163 -3.05 2.75 19.06
CA LYS A 163 -4.33 2.36 18.51
C LYS A 163 -4.73 3.21 17.30
N PHE A 164 -4.46 4.52 17.34
CA PHE A 164 -5.03 5.41 16.31
C PHE A 164 -3.95 6.33 15.73
N LEU A 165 -4.38 7.34 14.96
CA LEU A 165 -3.44 8.16 14.20
C LEU A 165 -2.42 8.83 15.09
N ASP A 166 -2.88 9.39 16.22
CA ASP A 166 -2.12 10.30 17.05
C ASP A 166 -1.68 9.68 18.38
N GLY A 167 -2.05 8.44 18.63
CA GLY A 167 -1.82 7.84 19.92
C GLY A 167 -2.92 6.85 20.21
N ASP A 168 -3.20 6.65 21.50
CA ASP A 168 -4.16 5.64 21.93
C ASP A 168 -5.57 6.17 22.12
N GLU A 169 -5.80 7.46 21.90
CA GLU A 169 -7.14 8.05 21.99
C GLU A 169 -7.58 8.57 20.63
N LEU A 170 -8.87 8.46 20.36
CA LEU A 170 -9.44 9.04 19.14
C LEU A 170 -9.31 10.56 19.21
N THR A 171 -8.88 11.16 18.11
CA THR A 171 -8.75 12.61 18.01
C THR A 171 -9.58 13.09 16.83
N LEU A 172 -9.63 14.41 16.66
CA LEU A 172 -10.24 15.02 15.49
C LEU A 172 -9.71 14.43 14.19
N ALA A 173 -8.42 14.06 14.13
CA ALA A 173 -7.89 13.51 12.88
C ALA A 173 -8.58 12.20 12.54
N ASP A 174 -8.85 11.36 13.55
CA ASP A 174 -9.56 10.10 13.29
C ASP A 174 -11.00 10.36 12.87
N CYS A 175 -11.66 11.35 13.49
CA CYS A 175 -13.05 11.64 13.12
C CYS A 175 -13.14 12.09 11.67
N ASN A 176 -12.08 12.73 11.18
CA ASN A 176 -12.07 13.13 9.78
C ASN A 176 -11.84 11.94 8.87
N LEU A 177 -10.81 11.14 9.17
CA LEU A 177 -10.34 10.11 8.24
C LEU A 177 -11.19 8.85 8.27
N LEU A 178 -11.59 8.39 9.46
CA LEU A 178 -12.25 7.08 9.55
C LEU A 178 -13.53 6.99 8.74
N PRO A 179 -14.42 7.98 8.72
CA PRO A 179 -15.59 7.90 7.84
C PRO A 179 -15.22 7.79 6.37
N LYS A 180 -14.13 8.43 5.94
CA LYS A 180 -13.74 8.33 4.54
C LYS A 180 -13.20 6.94 4.23
N LEU A 181 -12.36 6.40 5.11
CA LEU A 181 -11.82 5.06 4.93
C LEU A 181 -12.95 4.03 4.92
N HIS A 182 -13.98 4.25 5.75
CA HIS A 182 -15.11 3.33 5.77
C HIS A 182 -15.84 3.31 4.43
N ILE A 183 -16.03 4.49 3.82
CA ILE A 183 -16.66 4.58 2.51
C ILE A 183 -15.82 3.84 1.47
N ILE A 184 -14.51 4.11 1.44
CA ILE A 184 -13.62 3.45 0.49
C ILE A 184 -13.74 1.94 0.61
N LYS A 185 -13.72 1.44 1.86
CA LYS A 185 -13.72 0.00 2.06
C LYS A 185 -15.00 -0.62 1.50
N ILE A 186 -16.14 -0.01 1.81
CA ILE A 186 -17.42 -0.55 1.33
C ILE A 186 -17.53 -0.43 -0.19
N VAL A 187 -17.30 0.77 -0.72
CA VAL A 187 -17.60 1.03 -2.13
C VAL A 187 -16.59 0.33 -3.04
N ALA A 188 -15.29 0.49 -2.76
CA ALA A 188 -14.28 -0.09 -3.64
C ALA A 188 -14.42 -1.60 -3.71
N LYS A 189 -14.88 -2.24 -2.62
CA LYS A 189 -15.09 -3.67 -2.64
C LYS A 189 -16.29 -4.03 -3.50
N LYS A 190 -17.43 -3.40 -3.24
CA LYS A 190 -18.68 -3.74 -3.91
C LYS A 190 -18.56 -3.61 -5.42
N TYR A 191 -17.97 -2.51 -5.89
CA TYR A 191 -18.01 -2.16 -7.30
C TYR A 191 -16.71 -2.40 -8.05
N ARG A 192 -15.60 -2.61 -7.36
CA ARG A 192 -14.33 -2.84 -8.04
C ARG A 192 -13.58 -4.06 -7.52
N ASP A 193 -14.11 -4.77 -6.53
CA ASP A 193 -13.39 -5.88 -5.90
C ASP A 193 -12.01 -5.45 -5.44
N PHE A 194 -11.89 -4.18 -5.04
CA PHE A 194 -10.64 -3.59 -4.58
C PHE A 194 -10.66 -3.55 -3.06
N GLU A 195 -9.57 -3.99 -2.44
CA GLU A 195 -9.45 -3.98 -0.99
C GLU A 195 -8.13 -3.32 -0.61
N PHE A 196 -8.09 -2.78 0.61
CA PHE A 196 -6.81 -2.33 1.16
C PHE A 196 -5.84 -3.51 1.12
N PRO A 197 -4.67 -3.35 0.52
CA PRO A 197 -3.74 -4.48 0.37
C PRO A 197 -3.39 -5.10 1.71
N SER A 198 -3.19 -6.42 1.70
CA SER A 198 -2.88 -7.17 2.92
C SER A 198 -1.58 -6.71 3.53
N GLU A 199 -0.60 -6.28 2.71
CA GLU A 199 0.67 -5.84 3.28
C GLU A 199 0.55 -4.51 4.00
N MET A 200 -0.54 -3.75 3.83
CA MET A 200 -0.67 -2.52 4.60
C MET A 200 -1.27 -2.83 5.96
N THR A 201 -0.41 -3.38 6.82
CA THR A 201 -0.81 -3.82 8.15
C THR A 201 -1.10 -2.65 9.10
N GLY A 202 -0.56 -1.46 8.84
CA GLY A 202 -0.92 -0.32 9.66
C GLY A 202 -2.36 0.09 9.44
N ILE A 203 -2.78 0.19 8.17
CA ILE A 203 -4.18 0.52 7.89
C ILE A 203 -5.09 -0.52 8.51
N TRP A 204 -4.75 -1.81 8.36
CA TRP A 204 -5.63 -2.84 8.87
C TRP A 204 -5.65 -2.86 10.40
N ARG A 205 -4.52 -2.61 11.06
CA ARG A 205 -4.52 -2.50 12.52
C ARG A 205 -5.39 -1.34 12.97
N TYR A 206 -5.23 -0.18 12.32
CA TYR A 206 -6.02 1.01 12.62
C TYR A 206 -7.51 0.74 12.49
N LEU A 207 -7.92 0.17 11.35
CA LEU A 207 -9.33 -0.10 11.16
C LEU A 207 -9.85 -1.10 12.19
N ASN A 208 -9.08 -2.15 12.48
CA ASN A 208 -9.53 -3.11 13.51
C ASN A 208 -9.71 -2.42 14.86
N ASN A 209 -8.78 -1.53 15.23
CA ASN A 209 -8.93 -0.79 16.48
C ASN A 209 -10.18 0.09 16.44
N ALA A 210 -10.41 0.77 15.31
CA ALA A 210 -11.52 1.72 15.22
C ALA A 210 -12.87 1.03 15.23
N TYR A 211 -13.01 -0.08 14.52
CA TYR A 211 -14.29 -0.79 14.48
C TYR A 211 -14.67 -1.36 15.83
N ALA A 212 -13.71 -1.43 16.75
CA ALA A 212 -13.94 -1.86 18.12
C ALA A 212 -14.41 -0.71 18.99
N ARG A 213 -14.56 0.48 18.44
CA ARG A 213 -15.04 1.64 19.19
C ARG A 213 -16.48 1.92 18.82
N ASP A 214 -17.35 2.04 19.83
CA ASP A 214 -18.76 2.33 19.58
C ASP A 214 -18.93 3.63 18.81
N GLU A 215 -18.06 4.60 19.09
CA GLU A 215 -18.23 5.93 18.50
C GLU A 215 -18.03 5.90 16.99
N PHE A 216 -17.24 4.95 16.48
CA PHE A 216 -17.09 4.79 15.04
C PHE A 216 -18.14 3.84 14.46
N THR A 217 -18.23 2.61 14.98
CA THR A 217 -19.12 1.60 14.41
C THR A 217 -20.56 2.07 14.42
N ASN A 218 -21.01 2.64 15.52
CA ASN A 218 -22.41 3.05 15.65
C ASN A 218 -22.69 4.45 15.10
N THR A 219 -21.73 5.08 14.41
CA THR A 219 -22.06 6.24 13.59
C THR A 219 -21.99 5.94 12.09
N CYS A 220 -21.63 4.72 11.72
CA CYS A 220 -21.60 4.36 10.30
C CYS A 220 -23.01 4.24 9.76
N PRO A 221 -23.34 4.89 8.65
CA PRO A 221 -24.60 4.56 7.95
C PRO A 221 -24.55 3.13 7.44
N ALA A 222 -25.74 2.58 7.22
CA ALA A 222 -25.84 1.20 6.74
C ALA A 222 -25.08 1.03 5.43
N ASP A 223 -24.51 -0.17 5.25
CA ASP A 223 -23.80 -0.49 4.01
C ASP A 223 -24.62 -0.14 2.79
N ARG A 224 -25.92 -0.47 2.80
CA ARG A 224 -26.73 -0.25 1.61
C ARG A 224 -26.93 1.23 1.34
N GLU A 225 -26.87 2.07 2.37
CA GLU A 225 -26.87 3.52 2.14
C GLU A 225 -25.65 3.92 1.35
N ILE A 226 -24.46 3.47 1.79
CA ILE A 226 -23.21 3.82 1.14
C ILE A 226 -23.12 3.23 -0.26
N GLU A 227 -23.53 1.97 -0.42
CA GLU A 227 -23.45 1.36 -1.75
C GLU A 227 -24.42 2.05 -2.71
N HIS A 228 -25.62 2.41 -2.21
CA HIS A 228 -26.59 3.09 -3.05
C HIS A 228 -26.08 4.47 -3.46
N ALA A 229 -25.45 5.20 -2.53
CA ALA A 229 -24.90 6.51 -2.87
C ALA A 229 -23.87 6.45 -3.99
N TYR A 230 -23.19 5.31 -4.15
CA TYR A 230 -22.17 5.17 -5.18
C TYR A 230 -22.61 4.22 -6.28
N SER A 231 -23.93 4.08 -6.48
CA SER A 231 -24.45 3.09 -7.40
C SER A 231 -24.03 3.34 -8.85
N ASP A 232 -23.50 4.52 -9.17
CA ASP A 232 -23.03 4.76 -10.53
C ASP A 232 -21.76 4.00 -10.84
N ALA A 233 -21.05 3.50 -9.81
CA ALA A 233 -19.84 2.74 -10.08
C ALA A 233 -20.13 1.36 -10.63
N ALA A 234 -21.39 0.94 -10.65
CA ALA A 234 -21.74 -0.32 -11.26
C ALA A 234 -21.76 -0.26 -12.79
N LYS A 235 -21.59 0.93 -13.38
CA LYS A 235 -21.61 1.03 -14.83
C LYS A 235 -20.31 0.51 -15.42
N ARG A 236 -20.42 -0.01 -16.65
CA ARG A 236 -19.27 -0.58 -17.34
C ARG A 236 -18.20 0.48 -17.63
N MET A 237 -16.95 0.04 -17.70
CA MET A 237 -15.83 0.92 -18.00
C MET A 237 -15.71 1.07 -19.51
N LYS A 238 -15.96 2.29 -20.02
CA LYS A 238 -15.94 2.55 -21.46
C LYS A 238 -14.52 2.57 -22.02
N MET B 3 14.31 0.16 -34.78
CA MET B 3 15.34 0.83 -33.99
C MET B 3 14.88 1.03 -32.54
N GLY B 4 15.81 0.95 -31.60
CA GLY B 4 15.51 1.09 -30.19
C GLY B 4 15.36 -0.25 -29.49
N ILE B 5 14.86 -0.18 -28.27
CA ILE B 5 14.76 -1.33 -27.38
C ILE B 5 13.31 -1.50 -26.96
N THR B 6 12.77 -2.71 -27.14
CA THR B 6 11.47 -3.08 -26.58
C THR B 6 11.61 -4.36 -25.76
N LEU B 7 11.17 -4.31 -24.51
CA LEU B 7 11.09 -5.50 -23.66
C LEU B 7 9.68 -6.09 -23.79
N PHE B 8 9.61 -7.37 -24.17
CA PHE B 8 8.34 -8.09 -24.28
C PHE B 8 8.16 -8.91 -23.02
N VAL B 9 7.05 -8.67 -22.30
CA VAL B 9 6.82 -9.30 -21.00
C VAL B 9 5.52 -10.09 -21.05
N LYS B 10 5.36 -10.97 -20.06
CA LYS B 10 4.15 -11.76 -19.94
C LYS B 10 2.96 -10.88 -19.56
N ALA B 11 1.86 -11.02 -20.29
CA ALA B 11 0.64 -10.31 -19.92
C ALA B 11 -0.01 -10.96 -18.71
N GLY B 12 -0.74 -10.15 -17.94
CA GLY B 12 -1.52 -10.64 -16.81
C GLY B 12 -2.79 -11.35 -17.22
N TYR B 13 -3.62 -11.65 -16.21
CA TYR B 13 -4.82 -12.44 -16.44
C TYR B 13 -5.88 -11.68 -17.22
N ASP B 14 -5.83 -10.35 -17.25
CA ASP B 14 -6.74 -9.59 -18.09
C ASP B 14 -6.31 -9.60 -19.56
N GLY B 15 -5.19 -10.23 -19.88
CA GLY B 15 -4.68 -10.31 -21.22
C GLY B 15 -3.91 -9.11 -21.71
N GLU B 16 -3.75 -8.05 -20.90
CA GLU B 16 -3.03 -6.89 -21.41
C GLU B 16 -2.10 -6.21 -20.40
N SER B 17 -2.41 -6.18 -19.11
CA SER B 17 -1.50 -5.52 -18.18
CA SER B 17 -1.51 -5.54 -18.14
C SER B 17 -0.28 -6.41 -17.91
N ILE B 18 0.72 -5.81 -17.25
CA ILE B 18 1.92 -6.56 -16.87
C ILE B 18 1.51 -7.70 -15.94
N GLY B 19 1.92 -8.93 -16.28
CA GLY B 19 1.57 -10.06 -15.45
C GLY B 19 2.65 -10.41 -14.44
N ASN B 20 2.31 -11.31 -13.52
CA ASN B 20 3.31 -11.82 -12.59
C ASN B 20 4.40 -12.55 -13.33
N CYS B 21 5.64 -12.15 -13.09
CA CYS B 21 6.81 -12.82 -13.67
C CYS B 21 8.07 -12.19 -13.13
N PRO B 22 8.83 -12.91 -12.31
CA PRO B 22 10.04 -12.32 -11.74
C PRO B 22 11.12 -12.11 -12.77
N PHE B 23 11.09 -12.86 -13.88
CA PHE B 23 12.09 -12.69 -14.91
C PHE B 23 11.80 -11.43 -15.73
N SER B 24 10.52 -11.18 -16.03
CA SER B 24 10.15 -9.96 -16.71
C SER B 24 10.55 -8.76 -15.88
N GLN B 25 10.24 -8.81 -14.57
CA GLN B 25 10.53 -7.67 -13.71
C GLN B 25 12.03 -7.45 -13.59
N ARG B 26 12.81 -8.52 -13.51
CA ARG B 26 14.25 -8.39 -13.41
C ARG B 26 14.81 -7.58 -14.57
N LEU B 27 14.40 -7.90 -15.81
CA LEU B 27 14.87 -7.17 -17.00
C LEU B 27 14.30 -5.75 -17.07
N PHE B 28 13.03 -5.60 -16.74
CA PHE B 28 12.41 -4.27 -16.61
C PHE B 28 13.23 -3.37 -15.68
N MET B 29 13.64 -3.90 -14.52
CA MET B 29 14.46 -3.13 -13.58
C MET B 29 15.84 -2.79 -14.17
N ILE B 30 16.48 -3.75 -14.83
CA ILE B 30 17.80 -3.49 -15.44
C ILE B 30 17.71 -2.33 -16.42
N LEU B 31 16.70 -2.36 -17.32
CA LEU B 31 16.59 -1.32 -18.32
C LEU B 31 16.30 0.03 -17.68
N TRP B 32 15.47 0.04 -16.64
CA TRP B 32 15.19 1.28 -15.93
C TRP B 32 16.48 1.82 -15.32
N LEU B 33 17.20 0.97 -14.59
CA LEU B 33 18.43 1.43 -13.94
C LEU B 33 19.50 1.88 -14.94
N LYS B 34 19.54 1.27 -16.13
CA LYS B 34 20.51 1.72 -17.13
C LYS B 34 20.21 3.14 -17.61
N GLY B 35 18.94 3.58 -17.54
CA GLY B 35 18.55 4.88 -18.04
C GLY B 35 18.37 4.97 -19.55
N VAL B 36 18.41 3.83 -20.24
CA VAL B 36 18.25 3.83 -21.69
C VAL B 36 16.76 4.03 -22.00
N ILE B 37 16.47 4.59 -23.16
CA ILE B 37 15.09 4.72 -23.59
C ILE B 37 14.60 3.37 -24.09
N PHE B 38 13.44 2.91 -23.59
CA PHE B 38 12.90 1.61 -24.00
C PHE B 38 11.39 1.60 -23.85
N ASN B 39 10.76 0.67 -24.57
CA ASN B 39 9.33 0.40 -24.50
C ASN B 39 9.11 -1.00 -23.93
N VAL B 40 7.88 -1.23 -23.48
CA VAL B 40 7.45 -2.51 -22.91
C VAL B 40 6.15 -2.93 -23.58
N THR B 41 6.12 -4.15 -24.13
CA THR B 41 4.92 -4.70 -24.75
C THR B 41 4.53 -5.98 -24.04
N THR B 42 3.24 -6.14 -23.70
CA THR B 42 2.84 -7.36 -23.03
C THR B 42 2.47 -8.41 -24.08
N VAL B 43 2.83 -9.65 -23.78
CA VAL B 43 2.67 -10.78 -24.71
C VAL B 43 1.88 -11.88 -24.04
N ASP B 44 0.84 -12.35 -24.70
CA ASP B 44 0.23 -13.62 -24.36
C ASP B 44 0.17 -14.47 -25.63
N LEU B 45 0.72 -15.68 -25.57
CA LEU B 45 0.77 -16.55 -26.76
C LEU B 45 -0.60 -16.71 -27.42
N LYS B 46 -1.63 -17.01 -26.63
CA LYS B 46 -2.94 -17.27 -27.22
C LYS B 46 -3.72 -15.98 -27.45
N ARG B 47 -3.65 -15.02 -26.53
CA ARG B 47 -4.53 -13.86 -26.53
C ARG B 47 -3.92 -12.62 -27.20
N LYS B 48 -2.60 -12.53 -27.23
CA LYS B 48 -1.94 -11.29 -27.62
C LYS B 48 -0.52 -11.58 -28.09
N PRO B 49 -0.35 -12.25 -29.22
CA PRO B 49 1.00 -12.56 -29.70
C PRO B 49 1.73 -11.31 -30.14
N ALA B 50 3.06 -11.35 -30.04
CA ALA B 50 3.88 -10.20 -30.38
C ALA B 50 3.81 -9.90 -31.89
N ASP B 51 3.78 -8.61 -32.23
CA ASP B 51 3.75 -8.18 -33.64
C ASP B 51 5.18 -7.96 -34.08
N LEU B 52 5.84 -9.05 -34.49
CA LEU B 52 7.22 -9.04 -34.94
C LEU B 52 7.32 -9.81 -36.26
N GLN B 53 8.30 -9.46 -37.08
CA GLN B 53 8.44 -10.17 -38.35
C GLN B 53 9.37 -11.38 -38.24
N ASN B 54 10.38 -11.36 -37.39
CA ASN B 54 11.28 -12.51 -37.26
C ASN B 54 11.36 -12.92 -35.80
N LEU B 55 10.37 -13.69 -35.36
CA LEU B 55 10.38 -14.30 -34.03
C LEU B 55 10.13 -15.79 -34.16
N ALA B 56 10.92 -16.58 -33.46
CA ALA B 56 10.78 -18.03 -33.51
C ALA B 56 9.39 -18.45 -33.04
N PRO B 57 8.90 -19.61 -33.48
CA PRO B 57 7.55 -20.05 -33.08
C PRO B 57 7.46 -20.32 -31.59
N GLY B 58 6.39 -19.80 -30.97
CA GLY B 58 6.04 -20.10 -29.60
C GLY B 58 7.05 -19.65 -28.54
N THR B 59 7.89 -18.67 -28.85
CA THR B 59 8.82 -18.16 -27.85
C THR B 59 8.06 -17.57 -26.66
N ASN B 60 8.47 -17.97 -25.45
CA ASN B 60 7.82 -17.48 -24.25
C ASN B 60 8.50 -16.21 -23.74
N PRO B 61 7.76 -15.23 -23.27
CA PRO B 61 8.40 -14.02 -22.77
C PRO B 61 9.09 -14.33 -21.45
N PRO B 62 10.02 -13.49 -20.98
CA PRO B 62 10.48 -12.21 -21.53
C PRO B 62 11.49 -12.36 -22.67
N PHE B 63 11.39 -11.50 -23.67
CA PHE B 63 12.44 -11.37 -24.67
C PHE B 63 12.54 -9.89 -25.02
N MET B 64 13.50 -9.56 -25.87
CA MET B 64 13.84 -8.16 -26.06
C MET B 64 14.27 -7.97 -27.50
N THR B 65 13.87 -6.86 -28.09
CA THR B 65 14.44 -6.45 -29.36
C THR B 65 15.40 -5.30 -29.11
N PHE B 66 16.55 -5.37 -29.77
CA PHE B 66 17.60 -4.36 -29.66
C PHE B 66 18.01 -4.02 -31.08
N ASP B 67 17.62 -2.83 -31.55
CA ASP B 67 17.85 -2.41 -32.94
C ASP B 67 17.38 -3.47 -33.94
N GLY B 68 16.20 -4.03 -33.69
CA GLY B 68 15.60 -5.00 -34.58
C GLY B 68 15.96 -6.45 -34.33
N GLU B 69 17.05 -6.72 -33.62
CA GLU B 69 17.45 -8.09 -33.32
C GLU B 69 16.72 -8.61 -32.10
N VAL B 70 16.15 -9.81 -32.22
CA VAL B 70 15.46 -10.41 -31.09
C VAL B 70 16.49 -11.09 -30.21
N LYS B 71 16.39 -10.89 -28.91
CA LYS B 71 17.26 -11.53 -27.94
C LYS B 71 16.40 -12.32 -26.98
N THR B 72 16.82 -13.57 -26.73
CA THR B 72 16.12 -14.54 -25.89
C THR B 72 16.99 -14.89 -24.69
N ASP B 73 16.32 -15.49 -23.69
CA ASP B 73 16.94 -16.04 -22.48
C ASP B 73 17.30 -14.94 -21.50
N VAL B 74 16.67 -14.96 -20.32
CA VAL B 74 16.81 -13.85 -19.36
C VAL B 74 18.27 -13.64 -19.00
N ASN B 75 19.03 -14.73 -18.83
CA ASN B 75 20.42 -14.59 -18.42
C ASN B 75 21.27 -14.00 -19.53
N LYS B 76 21.04 -14.41 -20.78
CA LYS B 76 21.81 -13.85 -21.88
C LYS B 76 21.42 -12.39 -22.15
N ILE B 77 20.15 -12.05 -21.96
CA ILE B 77 19.74 -10.66 -22.14
C ILE B 77 20.41 -9.78 -21.09
N GLU B 78 20.39 -10.24 -19.84
CA GLU B 78 21.03 -9.48 -18.77
C GLU B 78 22.50 -9.26 -19.09
N GLU B 79 23.21 -10.33 -19.46
CA GLU B 79 24.61 -10.20 -19.81
C GLU B 79 24.80 -9.24 -20.98
N PHE B 80 23.92 -9.30 -21.98
CA PHE B 80 24.03 -8.42 -23.13
C PHE B 80 23.90 -6.96 -22.73
N LEU B 81 22.87 -6.64 -21.92
CA LEU B 81 22.63 -5.27 -21.49
C LEU B 81 23.79 -4.75 -20.65
N GLU B 82 24.31 -5.61 -19.76
CA GLU B 82 25.44 -5.22 -18.93
C GLU B 82 26.70 -4.98 -19.77
N GLU B 83 26.83 -5.65 -20.92
CA GLU B 83 28.01 -5.52 -21.75
C GLU B 83 27.91 -4.40 -22.77
N LYS B 84 26.71 -4.07 -23.24
CA LYS B 84 26.56 -3.09 -24.30
C LYS B 84 26.25 -1.69 -23.80
N LEU B 85 25.63 -1.58 -22.63
CA LEU B 85 25.29 -0.29 -22.02
C LEU B 85 26.27 -0.06 -20.88
N VAL B 86 27.30 0.77 -21.14
CA VAL B 86 28.44 0.89 -20.22
C VAL B 86 28.78 2.37 -19.93
N PRO B 87 29.58 2.65 -18.90
CA PRO B 87 30.00 4.03 -18.66
C PRO B 87 30.76 4.59 -19.84
N PRO B 88 30.73 5.92 -20.03
CA PRO B 88 30.11 6.92 -19.15
C PRO B 88 28.61 7.16 -19.35
N ARG B 89 28.03 6.66 -20.43
CA ARG B 89 26.62 6.96 -20.72
C ARG B 89 25.65 6.17 -19.85
N TYR B 90 26.03 4.97 -19.42
CA TYR B 90 25.15 4.10 -18.64
C TYR B 90 25.93 3.52 -17.48
N PRO B 91 25.31 3.39 -16.31
CA PRO B 91 26.04 2.85 -15.16
C PRO B 91 26.27 1.35 -15.28
N LYS B 92 27.40 0.90 -14.74
CA LYS B 92 27.63 -0.53 -14.56
C LYS B 92 26.77 -1.02 -13.40
N LEU B 93 26.08 -2.14 -13.60
CA LEU B 93 25.21 -2.72 -12.59
C LEU B 93 25.73 -4.02 -12.00
N GLY B 94 26.84 -4.55 -12.51
CA GLY B 94 27.35 -5.80 -11.99
C GLY B 94 27.78 -5.69 -10.54
N THR B 95 27.72 -6.81 -9.83
CA THR B 95 28.06 -6.80 -8.41
C THR B 95 29.58 -6.82 -8.21
N GLN B 96 30.02 -6.21 -7.11
CA GLN B 96 31.42 -6.25 -6.73
C GLN B 96 31.74 -7.37 -5.75
N HIS B 97 30.76 -7.82 -4.96
CA HIS B 97 30.93 -8.85 -3.95
C HIS B 97 30.14 -10.10 -4.33
N PRO B 98 30.78 -11.24 -4.59
CA PRO B 98 30.02 -12.41 -5.04
C PRO B 98 28.95 -12.88 -4.06
N GLU B 99 29.16 -12.68 -2.75
CA GLU B 99 28.13 -13.06 -1.79
C GLU B 99 26.82 -12.32 -2.04
N SER B 100 26.85 -11.18 -2.72
CA SER B 100 25.59 -10.51 -3.07
C SER B 100 24.72 -11.42 -3.92
N ASN B 101 25.33 -12.29 -4.73
CA ASN B 101 24.57 -13.16 -5.62
C ASN B 101 24.07 -14.43 -4.94
N SER B 102 24.65 -14.84 -3.82
CA SER B 102 24.25 -16.08 -3.17
C SER B 102 23.49 -15.88 -1.86
N ALA B 103 23.48 -14.69 -1.28
CA ALA B 103 22.88 -14.53 0.04
C ALA B 103 21.39 -14.86 0.01
N GLY B 104 20.71 -14.56 -1.09
CA GLY B 104 19.29 -14.84 -1.15
C GLY B 104 18.94 -15.97 -2.09
N ASN B 105 19.92 -16.83 -2.38
CA ASN B 105 19.70 -17.84 -3.41
C ASN B 105 18.77 -18.96 -2.96
N ASP B 106 18.41 -19.04 -1.69
CA ASP B 106 17.51 -20.10 -1.24
C ASP B 106 16.07 -19.64 -1.03
N VAL B 107 15.81 -18.34 -0.96
CA VAL B 107 14.51 -17.90 -0.45
C VAL B 107 13.38 -18.27 -1.41
N PHE B 108 13.56 -18.06 -2.72
CA PHE B 108 12.42 -18.30 -3.61
C PHE B 108 12.06 -19.79 -3.70
N ALA B 109 13.06 -20.67 -3.77
CA ALA B 109 12.76 -22.10 -3.79
C ALA B 109 12.11 -22.55 -2.48
N LYS B 110 12.62 -22.08 -1.34
CA LYS B 110 11.99 -22.48 -0.08
C LYS B 110 10.58 -21.94 0.03
N PHE B 111 10.34 -20.74 -0.49
CA PHE B 111 8.98 -20.22 -0.54
C PHE B 111 8.08 -21.09 -1.42
N SER B 112 8.58 -21.48 -2.59
CA SER B 112 7.79 -22.30 -3.51
C SER B 112 7.33 -23.59 -2.85
N ALA B 113 8.24 -24.27 -2.14
CA ALA B 113 7.85 -25.51 -1.48
C ALA B 113 6.83 -25.23 -0.39
N PHE B 114 7.03 -24.12 0.33
CA PHE B 114 6.15 -23.72 1.42
C PHE B 114 4.75 -23.42 0.89
N ILE B 115 4.65 -22.69 -0.22
CA ILE B 115 3.35 -22.26 -0.71
C ILE B 115 2.65 -23.38 -1.49
N LYS B 116 3.40 -24.32 -2.03
CA LYS B 116 2.79 -25.45 -2.71
C LYS B 116 2.49 -26.61 -1.77
N ASN B 117 3.01 -26.58 -0.54
CA ASN B 117 2.73 -27.67 0.38
C ASN B 117 1.30 -27.59 0.89
N THR B 118 0.64 -28.74 0.91
CA THR B 118 -0.74 -28.86 1.34
C THR B 118 -0.87 -29.31 2.80
N LYS B 119 0.06 -30.13 3.28
CA LYS B 119 -0.07 -30.80 4.57
C LYS B 119 0.32 -29.88 5.73
N LYS B 120 -0.61 -29.67 6.66
CA LYS B 120 -0.30 -28.85 7.83
C LYS B 120 0.83 -29.47 8.65
N ASP B 121 0.89 -30.81 8.73
CA ASP B 121 1.94 -31.44 9.52
C ASP B 121 3.31 -31.21 8.91
N ALA B 122 3.39 -30.95 7.61
CA ALA B 122 4.66 -30.66 6.97
C ALA B 122 4.96 -29.17 6.91
N ASN B 123 3.99 -28.33 7.28
CA ASN B 123 4.21 -26.89 7.18
C ASN B 123 5.30 -26.41 8.14
N GLU B 124 5.36 -27.00 9.34
CA GLU B 124 6.36 -26.60 10.33
C GLU B 124 7.75 -26.70 9.75
N ILE B 125 8.01 -27.78 8.99
CA ILE B 125 9.30 -28.03 8.33
C ILE B 125 9.55 -26.97 7.28
N TYR B 126 8.59 -26.82 6.36
CA TYR B 126 8.71 -25.92 5.22
C TYR B 126 8.81 -24.47 5.67
N GLU B 127 8.03 -24.09 6.68
CA GLU B 127 8.10 -22.72 7.16
C GLU B 127 9.43 -22.46 7.84
N LYS B 128 9.93 -23.40 8.64
CA LYS B 128 11.24 -23.16 9.25
C LYS B 128 12.35 -23.11 8.20
N ASN B 129 12.25 -23.92 7.13
CA ASN B 129 13.23 -23.85 6.06
C ASN B 129 13.17 -22.52 5.31
N LEU B 130 11.96 -21.99 5.10
CA LEU B 130 11.85 -20.65 4.52
C LEU B 130 12.48 -19.62 5.47
N LEU B 131 12.18 -19.72 6.77
CA LEU B 131 12.76 -18.77 7.72
C LEU B 131 14.28 -18.90 7.78
N ARG B 132 14.80 -20.11 7.66
CA ARG B 132 16.25 -20.28 7.65
C ARG B 132 16.85 -19.67 6.39
N ALA B 133 16.18 -19.82 5.25
CA ALA B 133 16.65 -19.16 4.03
C ALA B 133 16.65 -17.65 4.19
N LEU B 134 15.62 -17.10 4.85
CA LEU B 134 15.55 -15.66 5.06
C LEU B 134 16.61 -15.19 6.05
N LYS B 135 16.85 -15.97 7.11
CA LYS B 135 17.88 -15.62 8.06
C LYS B 135 19.24 -15.48 7.38
N LYS B 136 19.54 -16.38 6.44
CA LYS B 136 20.78 -16.28 5.69
C LYS B 136 20.87 -14.94 4.96
N LEU B 137 19.78 -14.53 4.30
CA LEU B 137 19.77 -13.24 3.61
C LEU B 137 19.87 -12.08 4.59
N ASP B 138 19.14 -12.15 5.71
CA ASP B 138 19.13 -11.09 6.71
C ASP B 138 20.52 -10.88 7.32
N SER B 139 21.21 -11.97 7.63
CA SER B 139 22.57 -11.88 8.19
C SER B 139 23.52 -11.18 7.23
N TYR B 140 23.43 -11.48 5.93
CA TYR B 140 24.29 -10.81 4.97
C TYR B 140 23.99 -9.32 4.90
N LEU B 141 22.71 -8.95 4.90
CA LEU B 141 22.34 -7.55 4.79
C LEU B 141 22.79 -6.74 6.00
N ASN B 142 22.93 -7.40 7.16
CA ASN B 142 23.33 -6.70 8.36
C ASN B 142 24.84 -6.74 8.60
N SER B 143 25.58 -7.52 7.82
CA SER B 143 27.02 -7.62 8.05
C SER B 143 27.75 -6.57 7.23
N PRO B 144 28.55 -5.69 7.85
CA PRO B 144 29.21 -4.60 7.12
C PRO B 144 30.11 -5.10 5.99
N LEU B 145 30.04 -4.40 4.86
CA LEU B 145 30.96 -4.64 3.76
C LEU B 145 32.32 -3.98 4.02
N PRO B 146 33.35 -4.35 3.23
CA PRO B 146 34.70 -3.82 3.51
C PRO B 146 34.80 -2.30 3.55
N ASP B 147 34.06 -1.57 2.71
CA ASP B 147 34.24 -0.12 2.69
C ASP B 147 33.63 0.56 3.91
N GLU B 148 32.67 -0.08 4.58
CA GLU B 148 32.15 0.46 5.82
C GLU B 148 33.15 0.23 6.95
N ILE B 149 33.78 -0.94 6.95
CA ILE B 149 34.82 -1.29 7.93
C ILE B 149 36.07 -0.42 7.76
N ASP B 150 36.28 0.13 6.56
CA ASP B 150 37.43 1.00 6.33
C ASP B 150 37.13 2.45 6.65
N ALA B 151 35.86 2.82 6.78
CA ALA B 151 35.48 4.17 7.18
C ALA B 151 36.11 4.52 8.53
N ASP B 152 36.20 5.82 8.81
CA ASP B 152 36.90 6.26 10.01
C ASP B 152 35.99 6.10 11.22
N SER B 153 36.61 5.81 12.37
CA SER B 153 35.90 5.37 13.58
C SER B 153 34.82 4.36 13.24
N SER B 154 35.21 3.38 12.41
CA SER B 154 34.35 2.25 12.06
C SER B 154 34.01 1.39 13.26
N GLU B 155 34.75 1.54 14.38
CA GLU B 155 34.64 0.63 15.50
C GLU B 155 33.28 0.69 16.21
N ASP B 156 32.55 1.80 16.08
CA ASP B 156 31.21 1.87 16.64
C ASP B 156 30.13 1.36 15.69
N VAL B 157 30.47 1.04 14.44
CA VAL B 157 29.47 0.63 13.45
C VAL B 157 29.57 -0.89 13.32
N THR B 158 28.70 -1.61 14.01
CA THR B 158 28.68 -3.07 14.01
C THR B 158 27.65 -3.66 13.05
N VAL B 159 26.54 -2.96 12.83
CA VAL B 159 25.48 -3.39 11.93
C VAL B 159 25.55 -2.56 10.66
N SER B 160 25.58 -3.22 9.50
CA SER B 160 25.71 -2.51 8.24
C SER B 160 24.51 -1.58 8.02
N GLN B 161 24.77 -0.39 7.50
CA GLN B 161 23.72 0.56 7.18
C GLN B 161 23.55 0.77 5.68
N ARG B 162 24.12 -0.13 4.87
CA ARG B 162 24.05 0.03 3.44
C ARG B 162 22.61 -0.14 2.93
N LYS B 163 22.33 0.47 1.78
CA LYS B 163 20.96 0.45 1.28
C LYS B 163 20.60 -0.88 0.63
N PHE B 164 21.50 -1.50 -0.13
CA PHE B 164 21.13 -2.68 -0.89
C PHE B 164 22.11 -3.84 -0.74
N LEU B 165 21.93 -4.92 -1.54
CA LEU B 165 22.72 -6.13 -1.32
C LEU B 165 24.22 -5.88 -1.39
N ASP B 166 24.66 -5.10 -2.37
CA ASP B 166 26.06 -5.00 -2.73
C ASP B 166 26.71 -3.71 -2.26
N GLY B 167 25.95 -2.83 -1.64
CA GLY B 167 26.41 -1.48 -1.33
C GLY B 167 25.23 -0.52 -1.41
N ASP B 168 25.52 0.74 -1.75
CA ASP B 168 24.48 1.76 -1.73
C ASP B 168 23.80 1.95 -3.08
N GLU B 169 24.19 1.21 -4.10
CA GLU B 169 23.55 1.29 -5.40
C GLU B 169 22.87 -0.03 -5.74
N LEU B 170 21.73 0.05 -6.43
CA LEU B 170 21.09 -1.15 -6.94
C LEU B 170 21.98 -1.81 -7.97
N THR B 171 22.11 -3.14 -7.87
CA THR B 171 22.94 -3.93 -8.78
C THR B 171 22.09 -5.01 -9.42
N LEU B 172 22.71 -5.76 -10.34
CA LEU B 172 22.06 -6.93 -10.93
C LEU B 172 21.54 -7.90 -9.88
N ALA B 173 22.22 -8.02 -8.73
CA ALA B 173 21.75 -8.96 -7.70
C ALA B 173 20.40 -8.53 -7.14
N ASP B 174 20.18 -7.23 -6.95
CA ASP B 174 18.89 -6.75 -6.50
C ASP B 174 17.81 -6.95 -7.55
N CYS B 175 18.15 -6.76 -8.84
CA CYS B 175 17.17 -6.93 -9.90
C CYS B 175 16.70 -8.37 -9.97
N ASN B 176 17.58 -9.31 -9.62
CA ASN B 176 17.22 -10.72 -9.50
C ASN B 176 16.42 -10.98 -8.23
N LEU B 177 16.90 -10.51 -7.07
CA LEU B 177 16.27 -10.87 -5.79
C LEU B 177 14.98 -10.11 -5.51
N LEU B 178 14.94 -8.79 -5.74
CA LEU B 178 13.78 -8.04 -5.29
C LEU B 178 12.45 -8.52 -5.88
N PRO B 179 12.32 -8.83 -7.18
CA PRO B 179 11.03 -9.35 -7.66
C PRO B 179 10.63 -10.64 -6.97
N LYS B 180 11.60 -11.50 -6.61
CA LYS B 180 11.27 -12.74 -5.93
C LYS B 180 10.85 -12.48 -4.48
N LEU B 181 11.58 -11.61 -3.77
CA LEU B 181 11.18 -11.29 -2.41
C LEU B 181 9.80 -10.65 -2.36
N HIS B 182 9.49 -9.83 -3.36
CA HIS B 182 8.18 -9.19 -3.42
C HIS B 182 7.09 -10.22 -3.61
N ILE B 183 7.31 -11.21 -4.48
CA ILE B 183 6.33 -12.27 -4.64
C ILE B 183 6.14 -13.02 -3.33
N ILE B 184 7.24 -13.42 -2.68
CA ILE B 184 7.13 -14.10 -1.40
C ILE B 184 6.33 -13.25 -0.44
N LYS B 185 6.63 -11.96 -0.37
CA LYS B 185 5.97 -11.12 0.63
C LYS B 185 4.46 -11.02 0.41
N ILE B 186 4.04 -10.76 -0.84
CA ILE B 186 2.62 -10.59 -1.14
C ILE B 186 1.87 -11.91 -0.93
N VAL B 187 2.42 -13.01 -1.47
CA VAL B 187 1.72 -14.28 -1.50
C VAL B 187 1.68 -14.92 -0.11
N ALA B 188 2.82 -14.97 0.57
CA ALA B 188 2.84 -15.60 1.89
C ALA B 188 1.95 -14.87 2.87
N LYS B 189 1.82 -13.55 2.72
CA LYS B 189 0.92 -12.77 3.58
C LYS B 189 -0.54 -13.06 3.23
N LYS B 190 -0.88 -12.95 1.95
CA LYS B 190 -2.26 -13.10 1.53
C LYS B 190 -2.83 -14.46 1.91
N TYR B 191 -2.07 -15.54 1.67
CA TYR B 191 -2.63 -16.88 1.74
C TYR B 191 -2.23 -17.67 2.99
N ARG B 192 -1.21 -17.22 3.74
CA ARG B 192 -0.79 -17.92 4.95
C ARG B 192 -0.63 -17.02 6.16
N ASP B 193 -0.92 -15.73 6.03
CA ASP B 193 -0.74 -14.74 7.10
C ASP B 193 0.69 -14.75 7.61
N PHE B 194 1.64 -14.98 6.70
CA PHE B 194 3.04 -15.07 7.04
C PHE B 194 3.71 -13.72 6.71
N GLU B 195 4.48 -13.20 7.66
CA GLU B 195 5.23 -11.96 7.45
C GLU B 195 6.68 -12.18 7.81
N PHE B 196 7.56 -11.45 7.14
CA PHE B 196 8.96 -11.49 7.51
C PHE B 196 9.09 -11.02 8.96
N PRO B 197 9.66 -11.82 9.86
CA PRO B 197 9.70 -11.41 11.28
C PRO B 197 10.42 -10.09 11.46
N SER B 198 9.92 -9.31 12.42
CA SER B 198 10.45 -7.98 12.63
C SER B 198 11.90 -8.03 13.05
N GLU B 199 12.32 -9.07 13.76
CA GLU B 199 13.71 -9.17 14.20
C GLU B 199 14.68 -9.34 13.05
N MET B 200 14.20 -9.65 11.85
CA MET B 200 15.09 -9.65 10.69
C MET B 200 15.16 -8.22 10.14
N THR B 201 15.89 -7.37 10.87
CA THR B 201 15.97 -5.95 10.55
C THR B 201 16.79 -5.67 9.30
N GLY B 202 17.65 -6.60 8.87
CA GLY B 202 18.34 -6.42 7.61
C GLY B 202 17.40 -6.51 6.43
N ILE B 203 16.55 -7.53 6.42
CA ILE B 203 15.58 -7.66 5.33
C ILE B 203 14.65 -6.44 5.29
N TRP B 204 14.21 -5.97 6.46
CA TRP B 204 13.26 -4.87 6.48
C TRP B 204 13.91 -3.57 6.04
N ARG B 205 15.17 -3.33 6.46
CA ARG B 205 15.89 -2.16 5.97
C ARG B 205 16.01 -2.20 4.45
N TYR B 206 16.39 -3.35 3.89
CA TYR B 206 16.50 -3.55 2.44
C TYR B 206 15.17 -3.30 1.74
N LEU B 207 14.09 -3.90 2.25
CA LEU B 207 12.78 -3.72 1.63
C LEU B 207 12.32 -2.26 1.71
N ASN B 208 12.54 -1.61 2.86
CA ASN B 208 12.17 -0.20 2.99
C ASN B 208 12.91 0.66 1.98
N ASN B 209 14.21 0.38 1.78
CA ASN B 209 14.98 1.09 0.75
C ASN B 209 14.43 0.80 -0.64
N ALA B 210 14.11 -0.47 -0.92
CA ALA B 210 13.64 -0.83 -2.25
C ALA B 210 12.28 -0.20 -2.54
N TYR B 211 11.39 -0.19 -1.54
CA TYR B 211 10.08 0.43 -1.68
C TYR B 211 10.16 1.94 -1.90
N ALA B 212 11.31 2.56 -1.64
CA ALA B 212 11.49 3.98 -1.92
C ALA B 212 12.08 4.25 -3.29
N ARG B 213 12.35 3.23 -4.08
CA ARG B 213 12.98 3.40 -5.40
C ARG B 213 11.97 3.13 -6.53
N ASP B 214 11.86 4.10 -7.45
CA ASP B 214 10.93 3.98 -8.59
C ASP B 214 11.23 2.75 -9.45
N GLU B 215 12.50 2.39 -9.57
CA GLU B 215 12.88 1.30 -10.46
C GLU B 215 12.30 -0.03 -9.98
N PHE B 216 12.09 -0.16 -8.67
CA PHE B 216 11.44 -1.32 -8.10
C PHE B 216 9.92 -1.15 -8.12
N THR B 217 9.43 -0.07 -7.49
CA THR B 217 7.99 0.11 -7.30
C THR B 217 7.25 0.19 -8.63
N ASN B 218 7.80 0.89 -9.60
CA ASN B 218 7.08 1.03 -10.85
C ASN B 218 7.28 -0.14 -11.79
N THR B 219 8.02 -1.18 -11.39
CA THR B 219 8.05 -2.39 -12.20
C THR B 219 7.28 -3.53 -11.55
N CYS B 220 6.70 -3.33 -10.36
CA CYS B 220 5.88 -4.37 -9.74
C CYS B 220 4.53 -4.48 -10.46
N PRO B 221 4.11 -5.67 -10.87
CA PRO B 221 2.72 -5.86 -11.25
C PRO B 221 1.82 -5.60 -10.05
N ALA B 222 0.55 -5.37 -10.33
CA ALA B 222 -0.43 -5.17 -9.27
C ALA B 222 -0.46 -6.37 -8.34
N ASP B 223 -0.72 -6.11 -7.06
CA ASP B 223 -0.85 -7.19 -6.07
C ASP B 223 -1.80 -8.29 -6.55
N ARG B 224 -2.96 -7.93 -7.12
CA ARG B 224 -3.91 -8.98 -7.46
C ARG B 224 -3.41 -9.85 -8.61
N GLU B 225 -2.51 -9.33 -9.46
CA GLU B 225 -1.87 -10.19 -10.46
C GLU B 225 -1.07 -11.29 -9.78
N ILE B 226 -0.24 -10.90 -8.80
CA ILE B 226 0.61 -11.86 -8.10
C ILE B 226 -0.23 -12.84 -7.31
N GLU B 227 -1.27 -12.35 -6.62
CA GLU B 227 -2.13 -13.24 -5.84
C GLU B 227 -2.89 -14.20 -6.75
N HIS B 228 -3.39 -13.71 -7.89
CA HIS B 228 -4.12 -14.56 -8.82
C HIS B 228 -3.21 -15.64 -9.40
N ALA B 229 -1.96 -15.28 -9.73
CA ALA B 229 -1.00 -16.27 -10.22
C ALA B 229 -0.78 -17.40 -9.21
N TYR B 230 -1.01 -17.13 -7.92
CA TYR B 230 -0.87 -18.12 -6.86
C TYR B 230 -2.22 -18.48 -6.25
N SER B 231 -3.29 -18.43 -7.04
CA SER B 231 -4.64 -18.59 -6.50
C SER B 231 -4.90 -19.96 -5.89
N ASP B 232 -4.08 -20.96 -6.20
CA ASP B 232 -4.29 -22.28 -5.62
C ASP B 232 -3.85 -22.37 -4.16
N ALA B 233 -3.11 -21.38 -3.64
CA ALA B 233 -2.66 -21.35 -2.25
C ALA B 233 -3.78 -21.07 -1.25
N ALA B 234 -5.01 -20.82 -1.70
CA ALA B 234 -6.14 -20.56 -0.81
C ALA B 234 -6.68 -21.81 -0.12
N LYS B 235 -6.20 -22.99 -0.50
CA LYS B 235 -6.58 -24.25 0.13
C LYS B 235 -5.81 -24.47 1.44
N ARG B 236 -6.36 -25.31 2.30
CA ARG B 236 -5.66 -25.67 3.54
C ARG B 236 -6.10 -27.03 4.05
S SO4 C . -21.07 10.64 -3.81
O1 SO4 C . -22.05 9.60 -4.11
O2 SO4 C . -21.76 11.87 -3.44
O3 SO4 C . -20.24 10.23 -2.68
O4 SO4 C . -20.23 10.85 -4.99
S SO4 D . -24.57 9.42 22.97
O1 SO4 D . -25.83 8.84 22.52
O2 SO4 D . -24.84 10.71 23.62
O3 SO4 D . -23.92 8.51 23.91
O4 SO4 D . -23.71 9.61 21.81
S SO4 E . 8.39 5.05 -4.98
O1 SO4 E . 7.55 5.28 -6.16
O2 SO4 E . 8.22 6.12 -4.01
O3 SO4 E . 8.01 3.78 -4.37
O4 SO4 E . 9.79 4.96 -5.39
#